data_9DWS
#
_entry.id   9DWS
#
_cell.length_a   81.670
_cell.length_b   98.030
_cell.length_c   100.500
_cell.angle_alpha   90.00
_cell.angle_beta   90.00
_cell.angle_gamma   90.00
#
_symmetry.space_group_name_H-M   'P 21 21 21'
#
loop_
_entity.id
_entity.type
_entity.pdbx_description
1 polymer 'ribonucleoside-diphosphate reductase'
2 non-polymer 'CHLORIDE ION'
3 water water
#
_entity_poly.entity_id   1
_entity_poly.type   'polypeptide(L)'
_entity_poly.pdbx_seq_one_letter_code
;MVIARVKGSSLTTFSKTYKPFNYPWAVDLTVKHEKAHWIEDEIDLSEDVTDWKNGKITKVEKEYITNILRLFTQSDVAVG
QNYYDQFIPLFKNNEVRNMLGSFAAREGIHQRAYALLNDTLGLPDSEYHAFLEYKAMTDKIDFMMDADPTTRRGLGLCLA
KTVFNEGVALFASFAMLLNFQRFGKMKGMGKVVEWSIRDESMHVEGNAALFRIYCQENPYIVDNQFKKEIYLMASKAVEL
EDKFIELAYELGTIEGLKADEVKQYIRHITDRRLNQLGLKEIYNIEKNPLTWLEWILNGADHTNFFENRVTEYEVAGLTG
SWDEAYSV
;
_entity_poly.pdbx_strand_id   A,B
#
loop_
_chem_comp.id
_chem_comp.type
_chem_comp.name
_chem_comp.formula
CL non-polymer 'CHLORIDE ION' 'Cl -1'
#
# COMPACT_ATOMS: atom_id res chain seq x y z
N SER A 10 -11.62 11.18 16.49
CA SER A 10 -12.52 10.40 15.65
C SER A 10 -11.73 9.72 14.55
N LEU A 11 -12.45 8.99 13.72
CA LEU A 11 -11.87 8.28 12.58
C LEU A 11 -11.36 9.26 11.53
N THR A 12 -11.92 10.46 11.48
CA THR A 12 -11.70 11.40 10.39
C THR A 12 -10.69 12.49 10.72
N THR A 13 -9.94 12.37 11.83
CA THR A 13 -8.98 13.40 12.22
C THR A 13 -7.56 12.84 12.25
N PHE A 14 -6.60 13.66 11.82
CA PHE A 14 -5.20 13.29 11.84
C PHE A 14 -4.76 12.97 13.27
N SER A 15 -3.92 11.95 13.39
CA SER A 15 -3.43 11.57 14.70
C SER A 15 -2.43 12.61 15.22
N LYS A 16 -2.52 12.92 16.51
CA LYS A 16 -1.59 13.87 17.10
C LYS A 16 -0.21 13.25 17.31
N THR A 17 -0.22 12.03 17.83
CA THR A 17 0.97 11.23 18.07
C THR A 17 0.74 9.86 17.48
N TYR A 18 1.81 9.08 17.36
CA TYR A 18 1.65 7.71 16.87
C TYR A 18 0.89 6.87 17.90
N LYS A 19 1.33 6.91 19.15
CA LYS A 19 0.72 6.21 20.26
C LYS A 19 0.24 7.22 21.29
N PRO A 20 -0.75 6.86 22.14
CA PRO A 20 -1.54 5.62 22.12
C PRO A 20 -2.50 5.54 20.93
N PHE A 21 -2.87 4.33 20.56
CA PHE A 21 -3.76 4.14 19.41
C PHE A 21 -5.19 4.44 19.82
N ASN A 22 -5.90 5.17 18.95
CA ASN A 22 -7.33 5.33 19.09
C ASN A 22 -8.07 4.07 18.64
N TYR A 23 -7.54 3.38 17.64
CA TYR A 23 -8.14 2.15 17.10
C TYR A 23 -7.08 1.07 17.04
N PRO A 24 -6.74 0.48 18.20
CA PRO A 24 -5.65 -0.51 18.21
C PRO A 24 -5.94 -1.72 17.33
N TRP A 25 -7.21 -2.09 17.16
CA TRP A 25 -7.54 -3.23 16.31
C TRP A 25 -7.08 -2.99 14.87
N ALA A 26 -7.05 -1.74 14.44
CA ALA A 26 -6.62 -1.44 13.07
C ALA A 26 -5.13 -1.71 12.89
N VAL A 27 -4.33 -1.42 13.92
CA VAL A 27 -2.90 -1.75 13.88
C VAL A 27 -2.71 -3.25 13.85
N ASP A 28 -3.39 -3.96 14.76
CA ASP A 28 -3.25 -5.42 14.84
C ASP A 28 -3.61 -6.07 13.52
N LEU A 29 -4.69 -5.60 12.88
CA LEU A 29 -5.08 -6.20 11.61
C LEU A 29 -4.11 -5.82 10.49
N THR A 30 -3.55 -4.61 10.53
CA THR A 30 -2.55 -4.24 9.54
C THR A 30 -1.30 -5.11 9.68
N VAL A 31 -0.86 -5.34 10.92
CA VAL A 31 0.32 -6.18 11.15
C VAL A 31 0.06 -7.58 10.60
N LYS A 32 -1.14 -8.12 10.87
CA LYS A 32 -1.48 -9.44 10.39
C LYS A 32 -1.58 -9.48 8.86
N HIS A 33 -2.06 -8.40 8.26
CA HIS A 33 -2.16 -8.30 6.82
C HIS A 33 -0.78 -8.21 6.15
N GLU A 34 0.16 -7.49 6.77
CA GLU A 34 1.51 -7.42 6.21
C GLU A 34 2.25 -8.74 6.36
N LYS A 35 1.92 -9.53 7.39
CA LYS A 35 2.55 -10.84 7.51
C LYS A 35 2.07 -11.82 6.47
N ALA A 36 0.90 -11.58 5.87
CA ALA A 36 0.36 -12.41 4.81
C ALA A 36 0.80 -11.94 3.43
N HIS A 37 1.75 -11.01 3.36
CA HIS A 37 2.22 -10.49 2.09
C HIS A 37 2.74 -11.61 1.20
N TRP A 38 2.40 -11.53 -0.09
CA TRP A 38 2.85 -12.49 -1.08
C TRP A 38 3.03 -11.74 -2.39
N ILE A 39 3.83 -12.32 -3.29
CA ILE A 39 3.99 -11.76 -4.63
C ILE A 39 3.69 -12.83 -5.66
N GLU A 40 3.14 -12.37 -6.79
CA GLU A 40 2.73 -13.28 -7.86
C GLU A 40 3.88 -14.11 -8.40
N ASP A 41 5.10 -13.57 -8.39
CA ASP A 41 6.23 -14.31 -8.94
C ASP A 41 6.71 -15.46 -8.06
N GLU A 42 6.23 -15.56 -6.81
CA GLU A 42 6.71 -16.63 -5.94
C GLU A 42 5.92 -17.91 -6.10
N ILE A 43 4.83 -17.88 -6.86
CA ILE A 43 3.97 -19.05 -7.01
C ILE A 43 4.49 -19.92 -8.14
N ASP A 44 4.57 -21.22 -7.90
CA ASP A 44 4.98 -22.17 -8.91
C ASP A 44 3.78 -22.46 -9.83
N LEU A 45 3.94 -22.17 -11.11
CA LEU A 45 2.90 -22.41 -12.10
C LEU A 45 3.29 -23.51 -13.09
N SER A 46 4.49 -24.05 -12.95
CA SER A 46 4.99 -25.04 -13.89
C SER A 46 4.03 -26.21 -14.05
N GLU A 47 3.47 -26.71 -12.93
CA GLU A 47 2.56 -27.84 -13.02
C GLU A 47 1.23 -27.44 -13.62
N ASP A 48 0.88 -26.17 -13.54
CA ASP A 48 -0.38 -25.69 -14.17
C ASP A 48 -0.20 -25.73 -15.69
N VAL A 49 1.00 -25.41 -16.18
CA VAL A 49 1.24 -25.40 -17.62
C VAL A 49 1.13 -26.81 -18.18
N THR A 50 1.79 -27.77 -17.53
CA THR A 50 1.70 -29.14 -18.01
C THR A 50 0.29 -29.69 -17.84
N ASP A 51 -0.37 -29.32 -16.74
CA ASP A 51 -1.77 -29.70 -16.54
C ASP A 51 -2.61 -29.22 -17.71
N TRP A 52 -2.26 -28.08 -18.27
CA TRP A 52 -3.05 -27.41 -19.30
C TRP A 52 -2.76 -28.00 -20.68
N LYS A 53 -1.48 -28.29 -20.98
CA LYS A 53 -1.10 -28.76 -22.30
C LYS A 53 -1.44 -30.23 -22.52
N ASN A 54 -1.21 -31.08 -21.50
CA ASN A 54 -1.22 -32.53 -21.66
C ASN A 54 -2.60 -33.15 -21.44
N GLY A 55 -3.68 -32.41 -21.71
CA GLY A 55 -5.00 -32.98 -21.71
C GLY A 55 -5.59 -33.32 -20.35
N LYS A 56 -4.90 -33.00 -19.25
CA LYS A 56 -5.50 -33.21 -17.93
C LYS A 56 -6.64 -32.25 -17.66
N ILE A 57 -6.70 -31.11 -18.35
CA ILE A 57 -7.80 -30.16 -18.22
C ILE A 57 -8.68 -30.35 -19.45
N THR A 58 -9.95 -30.67 -19.25
CA THR A 58 -10.81 -30.94 -20.39
C THR A 58 -11.13 -29.65 -21.15
N LYS A 59 -11.72 -29.83 -22.34
CA LYS A 59 -12.07 -28.70 -23.18
C LYS A 59 -13.08 -27.79 -22.50
N VAL A 60 -14.01 -28.37 -21.73
CA VAL A 60 -15.02 -27.57 -21.06
C VAL A 60 -14.42 -26.89 -19.83
N GLU A 61 -13.60 -27.60 -19.09
CA GLU A 61 -12.91 -26.99 -17.92
C GLU A 61 -12.05 -25.85 -18.44
N LYS A 62 -11.51 -25.94 -19.65
CA LYS A 62 -10.59 -24.89 -20.16
C LYS A 62 -11.38 -23.62 -20.47
N GLU A 63 -12.59 -23.76 -20.99
CA GLU A 63 -13.45 -22.60 -21.30
C GLU A 63 -13.85 -21.90 -20.00
N TYR A 64 -14.13 -22.67 -18.95
CA TYR A 64 -14.50 -22.07 -17.64
C TYR A 64 -13.34 -21.19 -17.19
N ILE A 65 -12.14 -21.77 -17.12
CA ILE A 65 -10.96 -21.05 -16.66
C ILE A 65 -10.68 -19.86 -17.57
N THR A 66 -10.73 -20.06 -18.88
CA THR A 66 -10.44 -18.98 -19.82
C THR A 66 -11.42 -17.83 -19.65
N ASN A 67 -12.71 -18.14 -19.51
CA ASN A 67 -13.69 -17.08 -19.42
C ASN A 67 -13.65 -16.37 -18.07
N ILE A 68 -13.36 -17.11 -16.98
CA ILE A 68 -13.27 -16.47 -15.68
C ILE A 68 -12.07 -15.53 -15.63
N LEU A 69 -10.92 -16.00 -16.10
CA LEU A 69 -9.74 -15.14 -16.07
C LEU A 69 -9.91 -13.90 -16.95
N ARG A 70 -10.61 -14.04 -18.08
CA ARG A 70 -10.90 -12.87 -18.89
C ARG A 70 -11.80 -11.91 -18.16
N LEU A 71 -12.78 -12.43 -17.41
CA LEU A 71 -13.60 -11.56 -16.58
C LEU A 71 -12.76 -10.84 -15.53
N PHE A 72 -11.75 -11.53 -14.97
CA PHE A 72 -10.93 -10.92 -13.92
C PHE A 72 -10.08 -9.79 -14.49
N THR A 73 -9.40 -10.05 -15.61
CA THR A 73 -8.50 -9.05 -16.14
C THR A 73 -9.23 -7.86 -16.75
N GLN A 74 -10.50 -8.02 -17.09
CA GLN A 74 -11.26 -6.93 -17.74
C GLN A 74 -12.19 -6.23 -16.74
N SER A 75 -12.20 -6.64 -15.48
CA SER A 75 -13.01 -5.92 -14.50
C SER A 75 -12.12 -5.46 -13.34
N ASP A 76 -12.63 -4.45 -12.63
CA ASP A 76 -11.90 -3.77 -11.55
C ASP A 76 -10.48 -3.40 -11.96
N VAL A 77 -10.37 -2.82 -13.16
CA VAL A 77 -9.07 -2.41 -13.69
C VAL A 77 -8.46 -1.32 -12.82
N ALA A 78 -9.29 -0.46 -12.24
CA ALA A 78 -8.81 0.62 -11.38
C ALA A 78 -8.60 0.01 -10.00
N VAL A 79 -7.36 -0.37 -9.70
CA VAL A 79 -7.05 -1.04 -8.45
C VAL A 79 -7.27 -0.08 -7.28
N GLY A 80 -7.97 -0.56 -6.25
CA GLY A 80 -8.14 0.20 -5.02
C GLY A 80 -8.95 1.46 -5.13
N GLN A 81 -9.73 1.61 -6.22
CA GLN A 81 -10.46 2.86 -6.47
C GLN A 81 -11.24 3.33 -5.26
N ASN A 82 -12.01 2.44 -4.63
CA ASN A 82 -12.85 2.87 -3.52
C ASN A 82 -12.02 3.21 -2.29
N TYR A 83 -10.87 2.56 -2.10
CA TYR A 83 -9.98 2.96 -1.02
C TYR A 83 -9.41 4.35 -1.28
N TYR A 84 -8.90 4.58 -2.49
CA TYR A 84 -8.19 5.82 -2.78
C TYR A 84 -9.13 7.00 -2.94
N ASP A 85 -10.37 6.78 -3.37
CA ASP A 85 -11.26 7.88 -3.69
C ASP A 85 -12.40 8.07 -2.70
N GLN A 86 -12.79 7.04 -1.97
CA GLN A 86 -13.86 7.18 -0.98
C GLN A 86 -13.35 7.18 0.46
N PHE A 87 -12.56 6.19 0.86
CA PHE A 87 -12.28 6.04 2.29
C PHE A 87 -10.99 6.75 2.74
N ILE A 88 -9.89 6.56 2.02
CA ILE A 88 -8.62 7.18 2.43
C ILE A 88 -8.71 8.69 2.50
N PRO A 89 -9.33 9.40 1.54
CA PRO A 89 -9.41 10.87 1.67
C PRO A 89 -10.10 11.33 2.93
N LEU A 90 -11.05 10.57 3.45
CA LEU A 90 -11.82 11.02 4.61
C LEU A 90 -11.35 10.44 5.94
N PHE A 91 -10.88 9.18 5.97
CA PHE A 91 -10.37 8.60 7.21
C PHE A 91 -8.91 8.99 7.36
N LYS A 92 -8.66 10.07 8.10
CA LYS A 92 -7.31 10.59 8.27
C LYS A 92 -6.58 10.02 9.48
N ASN A 93 -7.28 9.35 10.39
CA ASN A 93 -6.62 8.71 11.52
C ASN A 93 -5.52 7.78 11.04
N ASN A 94 -4.34 7.90 11.66
CA ASN A 94 -3.14 7.23 11.14
C ASN A 94 -3.31 5.72 11.04
N GLU A 95 -3.67 5.06 12.15
CA GLU A 95 -3.72 3.60 12.09
C GLU A 95 -4.80 3.10 11.13
N VAL A 96 -5.92 3.83 11.01
CA VAL A 96 -6.96 3.42 10.06
C VAL A 96 -6.50 3.69 8.64
N ARG A 97 -5.92 4.85 8.39
CA ARG A 97 -5.47 5.17 7.05
C ARG A 97 -4.40 4.20 6.56
N ASN A 98 -3.45 3.85 7.44
N ASN A 98 -3.47 3.80 7.44
CA ASN A 98 -2.42 2.88 7.09
CA ASN A 98 -2.44 2.88 6.98
C ASN A 98 -3.05 1.54 6.74
C ASN A 98 -3.00 1.49 6.76
N MET A 99 -3.98 1.07 7.56
CA MET A 99 -4.72 -0.16 7.26
C MET A 99 -5.31 -0.11 5.85
N LEU A 100 -6.06 0.94 5.55
CA LEU A 100 -6.74 1.05 4.27
C LEU A 100 -5.72 1.14 3.13
N GLY A 101 -4.63 1.87 3.36
CA GLY A 101 -3.60 1.96 2.34
C GLY A 101 -2.94 0.63 2.10
N SER A 102 -2.77 -0.16 3.16
CA SER A 102 -2.18 -1.49 3.01
C SER A 102 -3.13 -2.41 2.27
N PHE A 103 -4.43 -2.32 2.56
CA PHE A 103 -5.40 -3.12 1.82
C PHE A 103 -5.37 -2.76 0.34
N ALA A 104 -5.33 -1.46 0.04
CA ALA A 104 -5.39 -1.02 -1.35
C ALA A 104 -4.16 -1.48 -2.14
N ALA A 105 -2.99 -1.41 -1.52
CA ALA A 105 -1.78 -1.90 -2.18
C ALA A 105 -1.85 -3.39 -2.48
N ARG A 106 -2.45 -4.17 -1.57
CA ARG A 106 -2.55 -5.61 -1.77
C ARG A 106 -3.43 -5.95 -2.98
N GLU A 107 -4.44 -5.13 -3.26
CA GLU A 107 -5.28 -5.36 -4.44
C GLU A 107 -4.48 -5.29 -5.72
N GLY A 108 -3.39 -4.50 -5.72
CA GLY A 108 -2.54 -4.44 -6.89
C GLY A 108 -1.80 -5.74 -7.15
N ILE A 109 -1.48 -6.47 -6.10
CA ILE A 109 -0.83 -7.77 -6.26
C ILE A 109 -1.80 -8.76 -6.91
N HIS A 110 -3.08 -8.71 -6.52
CA HIS A 110 -4.07 -9.59 -7.13
C HIS A 110 -4.17 -9.34 -8.63
N GLN A 111 -4.23 -8.07 -9.03
CA GLN A 111 -4.37 -7.77 -10.45
C GLN A 111 -3.16 -8.28 -11.23
N ARG A 112 -1.95 -8.14 -10.67
CA ARG A 112 -0.78 -8.67 -11.35
C ARG A 112 -0.77 -10.19 -11.35
N ALA A 113 -1.32 -10.80 -10.30
CA ALA A 113 -1.34 -12.26 -10.24
C ALA A 113 -2.23 -12.84 -11.33
N TYR A 114 -3.41 -12.27 -11.54
CA TYR A 114 -4.30 -12.76 -12.59
C TYR A 114 -3.72 -12.49 -13.97
N ALA A 115 -3.03 -11.36 -14.14
CA ALA A 115 -2.40 -11.10 -15.43
C ALA A 115 -1.29 -12.11 -15.70
N LEU A 116 -0.56 -12.52 -14.67
CA LEU A 116 0.48 -13.50 -14.86
C LEU A 116 -0.10 -14.89 -15.11
N LEU A 117 -1.27 -15.19 -14.54
CA LEU A 117 -1.95 -16.45 -14.90
C LEU A 117 -2.34 -16.45 -16.37
N ASN A 118 -2.98 -15.36 -16.82
CA ASN A 118 -3.36 -15.22 -18.23
C ASN A 118 -2.16 -15.47 -19.14
N ASP A 119 -1.04 -14.82 -18.86
CA ASP A 119 0.11 -14.89 -19.76
C ASP A 119 0.81 -16.24 -19.66
N THR A 120 0.85 -16.84 -18.47
CA THR A 120 1.54 -18.11 -18.31
C THR A 120 0.78 -19.22 -19.00
N LEU A 121 -0.55 -19.13 -19.06
CA LEU A 121 -1.37 -20.10 -19.74
C LEU A 121 -1.54 -19.81 -21.22
N GLY A 122 -0.88 -18.77 -21.73
CA GLY A 122 -0.99 -18.43 -23.13
C GLY A 122 -2.39 -18.09 -23.59
N LEU A 123 -3.21 -17.53 -22.70
CA LEU A 123 -4.58 -17.21 -23.08
C LEU A 123 -4.58 -16.10 -24.13
N PRO A 124 -5.39 -16.22 -25.17
CA PRO A 124 -5.43 -15.18 -26.19
C PRO A 124 -6.11 -13.94 -25.64
N ASP A 125 -5.72 -12.79 -26.16
CA ASP A 125 -6.42 -11.56 -25.83
C ASP A 125 -7.75 -11.52 -26.57
N SER A 126 -8.79 -11.14 -25.85
CA SER A 126 -10.08 -10.84 -26.47
C SER A 126 -10.82 -9.90 -25.56
N GLU A 127 -11.82 -9.23 -26.12
CA GLU A 127 -12.67 -8.33 -25.35
C GLU A 127 -13.91 -9.04 -24.86
N TYR A 128 -14.23 -10.19 -25.45
CA TYR A 128 -15.44 -10.95 -25.19
C TYR A 128 -15.18 -12.19 -24.34
N HIS A 129 -16.10 -12.48 -23.44
CA HIS A 129 -16.11 -13.69 -22.64
C HIS A 129 -17.56 -13.96 -22.27
N ALA A 130 -17.79 -15.11 -21.61
CA ALA A 130 -19.14 -15.53 -21.31
C ALA A 130 -19.83 -14.67 -20.27
N PHE A 131 -19.11 -13.79 -19.58
CA PHE A 131 -19.64 -13.09 -18.43
C PHE A 131 -19.77 -11.59 -18.64
N LEU A 132 -19.97 -11.16 -19.88
CA LEU A 132 -20.16 -9.73 -20.12
C LEU A 132 -21.43 -9.23 -19.45
N GLU A 133 -22.46 -10.08 -19.36
CA GLU A 133 -23.71 -9.66 -18.72
C GLU A 133 -23.54 -9.51 -17.22
N TYR A 134 -22.67 -10.32 -16.62
CA TYR A 134 -22.38 -10.19 -15.20
C TYR A 134 -21.68 -8.86 -14.92
N LYS A 135 -20.69 -8.52 -15.74
CA LYS A 135 -19.95 -7.25 -15.59
C LYS A 135 -20.93 -6.08 -15.77
N ALA A 136 -21.79 -6.15 -16.79
CA ALA A 136 -22.72 -5.04 -17.05
C ALA A 136 -23.73 -4.97 -15.92
N MET A 137 -24.19 -6.11 -15.43
CA MET A 137 -25.09 -6.06 -14.29
C MET A 137 -24.39 -5.48 -13.06
N THR A 138 -23.10 -5.77 -12.89
CA THR A 138 -22.36 -5.17 -11.77
C THR A 138 -22.31 -3.66 -11.90
N ASP A 139 -22.02 -3.16 -13.09
CA ASP A 139 -21.92 -1.71 -13.26
C ASP A 139 -23.28 -1.04 -13.10
N LYS A 140 -24.34 -1.69 -13.55
CA LYS A 140 -25.67 -1.12 -13.38
C LYS A 140 -26.04 -1.02 -11.91
N ILE A 141 -25.80 -2.09 -11.15
CA ILE A 141 -26.12 -2.08 -9.72
C ILE A 141 -25.34 -0.98 -9.04
N ASP A 142 -24.06 -0.81 -9.40
CA ASP A 142 -23.23 0.22 -8.81
C ASP A 142 -23.73 1.62 -9.17
N PHE A 143 -24.28 1.77 -10.38
CA PHE A 143 -24.78 3.07 -10.81
C PHE A 143 -26.06 3.44 -10.08
N MET A 144 -26.88 2.46 -9.73
CA MET A 144 -28.12 2.72 -9.03
C MET A 144 -27.90 2.91 -7.55
N MET A 145 -26.81 2.39 -7.00
CA MET A 145 -26.53 2.65 -5.60
C MET A 145 -26.25 4.12 -5.38
N ASP A 146 -25.65 4.77 -6.38
CA ASP A 146 -25.30 6.19 -6.32
C ASP A 146 -24.50 6.47 -5.05
N ALA A 147 -23.31 5.89 -5.03
CA ALA A 147 -22.40 5.99 -3.89
C ALA A 147 -21.96 7.43 -3.67
N ASP A 148 -22.35 8.00 -2.53
CA ASP A 148 -22.01 9.38 -2.19
C ASP A 148 -21.20 9.41 -0.91
N PRO A 149 -19.88 9.44 -0.99
CA PRO A 149 -19.05 9.52 0.22
C PRO A 149 -18.98 10.91 0.82
N THR A 150 -19.57 11.92 0.17
CA THR A 150 -19.47 13.29 0.69
C THR A 150 -20.39 13.55 1.87
N THR A 151 -21.36 12.68 2.14
CA THR A 151 -22.19 12.80 3.33
C THR A 151 -21.85 11.70 4.32
N ARG A 152 -22.12 11.97 5.59
CA ARG A 152 -21.82 10.98 6.62
C ARG A 152 -22.64 9.71 6.41
N ARG A 153 -23.89 9.87 5.99
CA ARG A 153 -24.76 8.73 5.76
C ARG A 153 -24.30 7.95 4.54
N GLY A 154 -23.99 8.66 3.46
CA GLY A 154 -23.55 7.97 2.25
C GLY A 154 -22.20 7.30 2.40
N LEU A 155 -21.33 7.84 3.25
CA LEU A 155 -20.04 7.21 3.50
C LEU A 155 -20.22 5.89 4.23
N GLY A 156 -21.15 5.86 5.20
CA GLY A 156 -21.47 4.61 5.87
C GLY A 156 -21.97 3.56 4.90
N LEU A 157 -22.83 3.95 3.96
CA LEU A 157 -23.33 2.98 3.00
C LEU A 157 -22.24 2.53 2.03
N CYS A 158 -21.29 3.42 1.72
CA CYS A 158 -20.15 3.03 0.88
C CYS A 158 -19.28 1.99 1.57
N LEU A 159 -19.13 2.10 2.90
CA LEU A 159 -18.36 1.09 3.62
C LEU A 159 -19.05 -0.26 3.57
N ALA A 160 -20.37 -0.26 3.80
CA ALA A 160 -21.11 -1.52 3.77
C ALA A 160 -21.05 -2.14 2.39
N LYS A 161 -21.10 -1.30 1.35
CA LYS A 161 -21.03 -1.80 -0.01
C LYS A 161 -19.69 -2.48 -0.29
N THR A 162 -18.61 -1.92 0.22
CA THR A 162 -17.25 -2.48 -0.02
C THR A 162 -17.14 -3.87 0.64
N VAL A 163 -17.84 -4.07 1.74
CA VAL A 163 -17.80 -5.37 2.39
C VAL A 163 -18.41 -6.43 1.48
N PHE A 164 -19.49 -6.09 0.76
CA PHE A 164 -20.07 -7.05 -0.16
C PHE A 164 -19.22 -7.19 -1.43
N ASN A 165 -18.61 -6.09 -1.89
CA ASN A 165 -17.74 -6.19 -3.06
C ASN A 165 -16.58 -7.15 -2.79
N GLU A 166 -15.95 -7.01 -1.64
CA GLU A 166 -14.75 -7.79 -1.38
C GLU A 166 -15.08 -9.17 -0.82
N GLY A 167 -16.20 -9.29 -0.11
CA GLY A 167 -16.54 -10.53 0.56
C GLY A 167 -17.57 -11.42 -0.12
N VAL A 168 -18.26 -10.94 -1.15
CA VAL A 168 -19.25 -11.76 -1.86
C VAL A 168 -18.99 -11.76 -3.37
N ALA A 169 -18.82 -10.57 -3.94
CA ALA A 169 -18.62 -10.49 -5.39
C ALA A 169 -17.43 -11.33 -5.82
N LEU A 170 -17.65 -12.12 -6.88
CA LEU A 170 -16.71 -13.06 -7.51
C LEU A 170 -16.44 -14.32 -6.68
N PHE A 171 -17.08 -14.49 -5.53
CA PHE A 171 -16.84 -15.70 -4.77
C PHE A 171 -17.40 -16.95 -5.46
N ALA A 172 -18.41 -16.79 -6.32
CA ALA A 172 -18.89 -17.94 -7.06
C ALA A 172 -17.85 -18.39 -8.07
N SER A 173 -17.20 -17.43 -8.72
CA SER A 173 -16.09 -17.74 -9.61
C SER A 173 -14.89 -18.31 -8.85
N PHE A 174 -14.69 -17.91 -7.59
CA PHE A 174 -13.57 -18.46 -6.83
C PHE A 174 -13.78 -19.94 -6.53
N ALA A 175 -15.02 -20.30 -6.20
CA ALA A 175 -15.31 -21.70 -5.92
C ALA A 175 -15.05 -22.57 -7.14
N MET A 176 -15.37 -22.05 -8.33
CA MET A 176 -15.14 -22.81 -9.56
C MET A 176 -13.65 -22.95 -9.86
N LEU A 177 -12.86 -21.90 -9.61
CA LEU A 177 -11.42 -22.02 -9.82
C LEU A 177 -10.80 -22.95 -8.78
N LEU A 178 -11.36 -22.97 -7.58
CA LEU A 178 -10.83 -23.82 -6.53
C LEU A 178 -11.22 -25.27 -6.71
N ASN A 179 -12.26 -25.53 -7.52
CA ASN A 179 -12.68 -26.89 -7.80
C ASN A 179 -11.57 -27.70 -8.44
N PHE A 180 -10.58 -27.04 -9.04
CA PHE A 180 -9.47 -27.77 -9.65
C PHE A 180 -8.46 -28.23 -8.60
N GLN A 181 -8.04 -27.31 -7.71
CA GLN A 181 -7.08 -27.72 -6.68
C GLN A 181 -7.71 -28.67 -5.68
N ARG A 182 -9.03 -28.76 -5.64
CA ARG A 182 -9.75 -29.71 -4.76
C ARG A 182 -9.36 -31.13 -5.19
N PHE A 183 -9.03 -31.29 -6.47
CA PHE A 183 -8.64 -32.60 -6.98
C PHE A 183 -7.21 -32.62 -7.51
N GLY A 184 -6.34 -31.79 -6.95
CA GLY A 184 -4.94 -31.77 -7.34
C GLY A 184 -4.60 -31.22 -8.71
N LYS A 185 -5.49 -30.43 -9.31
CA LYS A 185 -5.23 -29.83 -10.63
C LYS A 185 -5.17 -28.31 -10.52
N MET A 186 -4.37 -27.70 -11.40
CA MET A 186 -4.22 -26.24 -11.43
C MET A 186 -3.94 -25.69 -10.03
N LYS A 187 -2.90 -26.24 -9.40
CA LYS A 187 -2.64 -25.90 -8.00
C LYS A 187 -2.05 -24.50 -7.86
N GLY A 188 -1.26 -24.05 -8.83
CA GLY A 188 -0.76 -22.68 -8.78
C GLY A 188 -1.87 -21.65 -8.88
N MET A 189 -2.81 -21.87 -9.79
CA MET A 189 -3.98 -21.00 -9.86
C MET A 189 -4.79 -21.06 -8.58
N GLY A 190 -4.90 -22.25 -7.98
CA GLY A 190 -5.61 -22.36 -6.72
C GLY A 190 -4.94 -21.57 -5.61
N LYS A 191 -3.61 -21.54 -5.62
CA LYS A 191 -2.86 -20.74 -4.61
C LYS A 191 -3.15 -19.25 -4.82
N VAL A 192 -3.20 -18.78 -6.07
CA VAL A 192 -3.53 -17.38 -6.31
C VAL A 192 -4.89 -17.06 -5.73
N VAL A 193 -5.89 -17.91 -6.01
CA VAL A 193 -7.23 -17.65 -5.53
C VAL A 193 -7.28 -17.76 -4.02
N GLU A 194 -6.59 -18.76 -3.47
CA GLU A 194 -6.62 -18.98 -2.03
C GLU A 194 -6.00 -17.82 -1.28
N TRP A 195 -4.85 -17.32 -1.74
CA TRP A 195 -4.24 -16.19 -1.06
C TRP A 195 -4.99 -14.89 -1.33
N SER A 196 -5.69 -14.81 -2.47
CA SER A 196 -6.54 -13.65 -2.72
C SER A 196 -7.70 -13.65 -1.75
N ILE A 197 -8.26 -14.82 -1.46
CA ILE A 197 -9.38 -14.91 -0.54
C ILE A 197 -8.92 -14.62 0.87
N ARG A 198 -7.71 -15.07 1.23
CA ARG A 198 -7.16 -14.75 2.54
C ARG A 198 -7.00 -13.24 2.72
N ASP A 199 -6.57 -12.53 1.67
CA ASP A 199 -6.48 -11.08 1.75
C ASP A 199 -7.87 -10.46 1.89
N GLU A 200 -8.82 -10.86 1.05
CA GLU A 200 -10.15 -10.28 1.08
C GLU A 200 -10.84 -10.52 2.41
N SER A 201 -10.59 -11.66 3.05
CA SER A 201 -11.16 -11.90 4.38
C SER A 201 -10.67 -10.88 5.39
N MET A 202 -9.38 -10.51 5.31
CA MET A 202 -8.88 -9.47 6.20
C MET A 202 -9.41 -8.10 5.81
N HIS A 203 -9.59 -7.85 4.52
CA HIS A 203 -10.13 -6.56 4.09
C HIS A 203 -11.56 -6.42 4.58
N VAL A 204 -12.34 -7.49 4.46
CA VAL A 204 -13.72 -7.48 4.92
C VAL A 204 -13.76 -7.27 6.42
N GLU A 205 -12.89 -7.97 7.15
CA GLU A 205 -12.83 -7.80 8.60
C GLU A 205 -12.49 -6.36 8.98
N GLY A 206 -11.55 -5.74 8.28
CA GLY A 206 -11.20 -4.36 8.59
C GLY A 206 -12.31 -3.38 8.23
N ASN A 207 -12.87 -3.52 7.04
CA ASN A 207 -13.90 -2.59 6.58
C ASN A 207 -15.17 -2.73 7.40
N ALA A 208 -15.52 -3.96 7.79
CA ALA A 208 -16.68 -4.16 8.66
C ALA A 208 -16.46 -3.57 10.03
N ALA A 209 -15.29 -3.79 10.63
CA ALA A 209 -15.01 -3.18 11.93
C ALA A 209 -15.06 -1.67 11.82
N LEU A 210 -14.50 -1.13 10.73
CA LEU A 210 -14.53 0.31 10.52
C LEU A 210 -15.98 0.79 10.36
N PHE A 211 -16.81 0.00 9.67
CA PHE A 211 -18.23 0.31 9.54
C PHE A 211 -18.91 0.39 10.90
N ARG A 212 -18.70 -0.62 11.74
CA ARG A 212 -19.33 -0.61 13.07
C ARG A 212 -18.84 0.56 13.90
N ILE A 213 -17.53 0.85 13.88
CA ILE A 213 -17.02 2.01 14.61
C ILE A 213 -17.57 3.31 14.02
N TYR A 214 -17.69 3.37 12.69
CA TYR A 214 -18.16 4.60 12.06
C TYR A 214 -19.62 4.88 12.40
N CYS A 215 -20.42 3.83 12.58
CA CYS A 215 -21.81 4.01 12.96
C CYS A 215 -21.93 4.47 14.41
N GLN A 216 -21.03 3.99 15.29
CA GLN A 216 -21.04 4.48 16.67
C GLN A 216 -20.67 5.95 16.73
N GLU A 217 -19.72 6.37 15.89
CA GLU A 217 -19.25 7.74 15.93
C GLU A 217 -20.21 8.71 15.26
N ASN A 218 -21.03 8.20 14.34
CA ASN A 218 -22.07 9.03 13.68
C ASN A 218 -23.38 8.28 13.86
N PRO A 219 -23.96 8.25 15.09
CA PRO A 219 -25.15 7.40 15.33
C PRO A 219 -26.40 7.86 14.60
N TYR A 220 -26.47 9.11 14.16
CA TYR A 220 -27.67 9.61 13.53
C TYR A 220 -27.79 9.20 12.08
N ILE A 221 -26.82 8.47 11.55
CA ILE A 221 -26.94 7.93 10.20
C ILE A 221 -27.61 6.57 10.20
N VAL A 222 -27.67 5.89 11.35
CA VAL A 222 -28.20 4.52 11.41
C VAL A 222 -29.69 4.67 11.62
N ASP A 223 -30.39 4.95 10.52
CA ASP A 223 -31.87 5.10 10.58
C ASP A 223 -32.58 3.87 10.02
N ASN A 224 -33.90 3.84 10.04
CA ASN A 224 -34.67 2.65 9.59
C ASN A 224 -34.35 2.31 8.13
N GLN A 225 -34.24 3.31 7.25
CA GLN A 225 -33.98 3.04 5.81
C GLN A 225 -32.51 2.71 5.58
N PHE A 226 -31.58 3.28 6.35
CA PHE A 226 -30.16 2.96 6.23
C PHE A 226 -29.93 1.46 6.33
N LYS A 227 -30.51 0.83 7.35
CA LYS A 227 -30.36 -0.62 7.51
C LYS A 227 -31.04 -1.37 6.37
N LYS A 228 -32.23 -0.92 5.98
CA LYS A 228 -32.94 -1.57 4.88
C LYS A 228 -32.13 -1.50 3.58
N GLU A 229 -31.46 -0.37 3.34
CA GLU A 229 -30.64 -0.25 2.14
C GLU A 229 -29.48 -1.23 2.15
N ILE A 230 -28.96 -1.58 3.34
CA ILE A 230 -27.84 -2.51 3.39
C ILE A 230 -28.32 -3.92 3.12
N TYR A 231 -29.50 -4.29 3.64
CA TYR A 231 -30.07 -5.60 3.32
C TYR A 231 -30.35 -5.71 1.83
N LEU A 232 -30.68 -4.60 1.18
CA LEU A 232 -30.89 -4.59 -0.26
C LEU A 232 -29.58 -4.85 -0.99
N MET A 233 -28.50 -4.25 -0.50
CA MET A 233 -27.16 -4.50 -1.01
C MET A 233 -26.81 -5.98 -0.95
N ALA A 234 -27.09 -6.64 0.17
CA ALA A 234 -26.75 -8.05 0.32
C ALA A 234 -27.54 -8.88 -0.69
N SER A 235 -28.84 -8.58 -0.85
CA SER A 235 -29.66 -9.33 -1.77
C SER A 235 -29.28 -9.04 -3.21
N LYS A 236 -28.81 -7.82 -3.51
CA LYS A 236 -28.33 -7.53 -4.86
C LYS A 236 -27.02 -8.24 -5.16
N ALA A 237 -26.16 -8.41 -4.17
CA ALA A 237 -24.92 -9.16 -4.38
C ALA A 237 -25.22 -10.63 -4.67
N VAL A 238 -26.21 -11.19 -3.97
CA VAL A 238 -26.59 -12.57 -4.22
C VAL A 238 -27.22 -12.72 -5.59
N GLU A 239 -28.05 -11.76 -5.98
CA GLU A 239 -28.65 -11.78 -7.31
C GLU A 239 -27.57 -11.70 -8.38
N LEU A 240 -26.53 -10.92 -8.13
CA LEU A 240 -25.43 -10.80 -9.09
C LEU A 240 -24.66 -12.11 -9.19
N GLU A 241 -24.36 -12.74 -8.06
CA GLU A 241 -23.62 -14.02 -8.08
C GLU A 241 -24.50 -15.08 -8.74
N ASP A 242 -25.81 -15.01 -8.52
CA ASP A 242 -26.73 -15.93 -9.16
C ASP A 242 -26.64 -15.84 -10.68
N LYS A 243 -26.54 -14.61 -11.20
CA LYS A 243 -26.39 -14.42 -12.63
C LYS A 243 -25.07 -15.00 -13.13
N PHE A 244 -23.99 -14.86 -12.35
CA PHE A 244 -22.73 -15.46 -12.76
C PHE A 244 -22.88 -16.97 -12.89
N ILE A 245 -23.54 -17.59 -11.91
CA ILE A 245 -23.67 -19.03 -11.89
C ILE A 245 -24.51 -19.50 -13.08
N GLU A 246 -25.59 -18.77 -13.37
CA GLU A 246 -26.43 -19.12 -14.51
C GLU A 246 -25.64 -19.07 -15.81
N LEU A 247 -24.81 -18.04 -15.99
CA LEU A 247 -24.02 -17.95 -17.21
C LEU A 247 -22.92 -19.00 -17.24
N ALA A 248 -22.34 -19.32 -16.09
CA ALA A 248 -21.22 -20.23 -16.05
C ALA A 248 -21.65 -21.65 -16.41
N TYR A 249 -22.82 -22.08 -15.91
CA TYR A 249 -23.26 -23.44 -16.19
C TYR A 249 -23.80 -23.59 -17.60
N GLU A 250 -24.02 -22.49 -18.33
CA GLU A 250 -24.36 -22.59 -19.75
C GLU A 250 -23.20 -23.14 -20.57
N LEU A 251 -21.99 -23.15 -20.02
CA LEU A 251 -20.81 -23.64 -20.71
C LEU A 251 -20.65 -25.14 -20.62
N GLY A 252 -21.35 -25.78 -19.71
CA GLY A 252 -21.22 -27.19 -19.46
C GLY A 252 -21.28 -27.44 -17.97
N THR A 253 -20.94 -28.65 -17.58
CA THR A 253 -20.99 -29.05 -16.18
C THR A 253 -19.60 -28.95 -15.56
N ILE A 254 -19.60 -28.95 -14.23
CA ILE A 254 -18.32 -28.95 -13.48
C ILE A 254 -18.32 -30.21 -12.62
N GLU A 255 -17.24 -30.98 -12.67
CA GLU A 255 -17.13 -32.25 -11.95
C GLU A 255 -17.29 -32.06 -10.45
N GLY A 256 -18.36 -32.62 -9.88
CA GLY A 256 -18.55 -32.60 -8.45
C GLY A 256 -19.09 -31.30 -7.89
N LEU A 257 -19.60 -30.41 -8.73
CA LEU A 257 -20.06 -29.10 -8.26
C LEU A 257 -21.31 -28.71 -9.03
N LYS A 258 -22.43 -28.63 -8.33
CA LYS A 258 -23.73 -28.34 -8.92
C LYS A 258 -24.11 -26.89 -8.69
N ALA A 259 -24.86 -26.33 -9.64
CA ALA A 259 -25.24 -24.92 -9.55
C ALA A 259 -25.95 -24.62 -8.24
N ASP A 260 -26.88 -25.49 -7.82
CA ASP A 260 -27.70 -25.19 -6.66
C ASP A 260 -26.88 -25.05 -5.38
N GLU A 261 -25.80 -25.83 -5.24
CA GLU A 261 -25.00 -25.71 -4.02
C GLU A 261 -24.09 -24.49 -4.05
N VAL A 262 -23.64 -24.04 -5.23
CA VAL A 262 -22.91 -22.79 -5.28
C VAL A 262 -23.81 -21.62 -4.88
N LYS A 263 -25.07 -21.65 -5.29
CA LYS A 263 -25.97 -20.58 -4.90
C LYS A 263 -26.23 -20.59 -3.40
N GLN A 264 -26.21 -21.76 -2.78
CA GLN A 264 -26.43 -21.84 -1.32
C GLN A 264 -25.19 -21.33 -0.60
N TYR A 265 -24.01 -21.63 -1.13
CA TYR A 265 -22.74 -21.17 -0.50
C TYR A 265 -22.64 -19.65 -0.60
N ILE A 266 -23.05 -19.09 -1.74
CA ILE A 266 -23.03 -17.63 -1.85
C ILE A 266 -23.97 -16.99 -0.84
N ARG A 267 -25.14 -17.61 -0.62
CA ARG A 267 -26.06 -17.10 0.38
C ARG A 267 -25.50 -17.26 1.79
N HIS A 268 -24.72 -18.32 1.99
CA HIS A 268 -24.14 -18.57 3.30
C HIS A 268 -23.12 -17.50 3.64
N ILE A 269 -22.22 -17.19 2.71
CA ILE A 269 -21.21 -16.18 3.02
C ILE A 269 -21.82 -14.77 3.02
N THR A 270 -22.88 -14.54 2.26
CA THR A 270 -23.54 -13.25 2.34
C THR A 270 -24.13 -13.02 3.73
N ASP A 271 -24.63 -14.08 4.37
CA ASP A 271 -25.13 -13.93 5.73
C ASP A 271 -23.98 -13.67 6.70
N ARG A 272 -22.80 -14.25 6.43
CA ARG A 272 -21.63 -13.95 7.25
C ARG A 272 -21.27 -12.47 7.19
N ARG A 273 -21.30 -11.92 5.98
CA ARG A 273 -20.95 -10.49 5.80
C ARG A 273 -21.96 -9.60 6.52
N LEU A 274 -23.25 -9.95 6.48
CA LEU A 274 -24.23 -9.16 7.21
C LEU A 274 -23.96 -9.25 8.71
N ASN A 275 -23.60 -10.44 9.20
CA ASN A 275 -23.24 -10.58 10.60
C ASN A 275 -22.02 -9.73 10.94
N GLN A 276 -21.02 -9.73 10.07
CA GLN A 276 -19.83 -8.91 10.32
C GLN A 276 -20.16 -7.42 10.33
N LEU A 277 -21.19 -7.01 9.60
CA LEU A 277 -21.62 -5.62 9.65
C LEU A 277 -22.51 -5.32 10.85
N GLY A 278 -22.89 -6.32 11.61
CA GLY A 278 -23.71 -6.10 12.81
C GLY A 278 -25.19 -6.18 12.52
N LEU A 279 -25.55 -6.78 11.39
CA LEU A 279 -26.95 -6.93 10.99
C LEU A 279 -27.32 -8.40 11.05
N LYS A 280 -28.56 -8.74 10.75
CA LYS A 280 -29.01 -10.15 10.92
C LYS A 280 -28.98 -10.94 9.63
N GLU A 281 -28.98 -12.27 9.76
CA GLU A 281 -29.01 -13.16 8.58
C GLU A 281 -30.37 -13.10 7.91
N ILE A 282 -30.39 -13.30 6.59
CA ILE A 282 -31.66 -13.31 5.86
C ILE A 282 -31.87 -14.58 5.06
N TYR A 283 -30.90 -15.50 5.07
CA TYR A 283 -31.04 -16.76 4.35
C TYR A 283 -31.04 -17.97 5.25
N ASN A 284 -30.39 -17.88 6.42
CA ASN A 284 -30.33 -18.95 7.40
C ASN A 284 -29.96 -20.29 6.75
N ILE A 285 -28.79 -20.28 6.09
CA ILE A 285 -28.14 -21.49 5.64
C ILE A 285 -27.20 -21.90 6.76
N GLU A 286 -27.52 -22.98 7.46
CA GLU A 286 -26.72 -23.35 8.63
C GLU A 286 -25.30 -23.72 8.23
N LYS A 287 -25.19 -24.70 7.34
CA LYS A 287 -23.84 -25.18 6.99
C LYS A 287 -23.46 -24.77 5.57
N ASN A 288 -22.19 -24.40 5.38
CA ASN A 288 -21.68 -24.13 4.04
C ASN A 288 -21.72 -25.44 3.26
N PRO A 289 -22.50 -25.54 2.18
CA PRO A 289 -22.60 -26.82 1.45
C PRO A 289 -21.30 -27.27 0.80
N LEU A 290 -20.34 -26.36 0.57
CA LEU A 290 -19.06 -26.73 -0.04
C LEU A 290 -18.02 -26.81 1.07
N THR A 291 -18.09 -27.91 1.82
CA THR A 291 -17.23 -28.09 2.99
C THR A 291 -15.76 -28.24 2.61
N TRP A 292 -15.47 -28.64 1.37
CA TRP A 292 -14.07 -28.79 0.86
C TRP A 292 -13.39 -27.42 0.77
N LEU A 293 -14.16 -26.35 0.79
CA LEU A 293 -13.70 -24.97 0.74
C LEU A 293 -13.46 -24.35 2.12
N GLU A 294 -14.11 -24.86 3.16
CA GLU A 294 -14.10 -24.20 4.47
C GLU A 294 -12.70 -23.86 4.97
N TRP A 295 -11.70 -24.67 4.64
CA TRP A 295 -10.32 -24.35 5.05
C TRP A 295 -9.82 -23.05 4.39
N ILE A 296 -10.22 -22.81 3.15
CA ILE A 296 -9.79 -21.58 2.47
C ILE A 296 -10.63 -20.37 2.91
N LEU A 297 -11.88 -20.58 3.29
CA LEU A 297 -12.71 -19.50 3.82
C LEU A 297 -12.50 -19.29 5.30
N ASN A 298 -11.79 -20.19 5.97
CA ASN A 298 -11.63 -20.16 7.42
C ASN A 298 -12.97 -19.99 8.14
N SER B 9 -3.56 7.47 -22.00
CA SER B 9 -3.54 8.86 -22.42
C SER B 9 -2.50 9.68 -21.65
N SER B 10 -2.79 9.97 -20.37
CA SER B 10 -1.90 10.76 -19.55
C SER B 10 -1.82 10.14 -18.16
N LEU B 11 -1.02 10.79 -17.31
CA LEU B 11 -0.85 10.33 -15.94
C LEU B 11 -2.12 10.51 -15.12
N THR B 12 -2.99 11.44 -15.51
CA THR B 12 -4.13 11.84 -14.70
C THR B 12 -5.45 11.19 -15.12
N THR B 13 -5.43 10.23 -16.03
CA THR B 13 -6.66 9.61 -16.51
C THR B 13 -6.68 8.12 -16.18
N PHE B 14 -7.86 7.64 -15.78
CA PHE B 14 -8.07 6.23 -15.47
C PHE B 14 -7.72 5.35 -16.68
N SER B 15 -7.08 4.22 -16.39
CA SER B 15 -6.75 3.27 -17.45
C SER B 15 -8.01 2.57 -17.95
N LYS B 16 -8.11 2.37 -19.27
CA LYS B 16 -9.24 1.63 -19.81
C LYS B 16 -9.07 0.13 -19.60
N THR B 17 -7.88 -0.39 -19.85
CA THR B 17 -7.55 -1.80 -19.64
C THR B 17 -6.29 -1.88 -18.80
N TYR B 18 -6.02 -3.07 -18.26
CA TYR B 18 -4.78 -3.25 -17.49
C TYR B 18 -3.56 -3.12 -18.39
N LYS B 19 -3.54 -3.87 -19.49
CA LYS B 19 -2.49 -3.85 -20.49
C LYS B 19 -3.05 -3.35 -21.80
N PRO B 20 -2.21 -2.81 -22.70
CA PRO B 20 -0.78 -2.50 -22.52
C PRO B 20 -0.56 -1.36 -21.55
N PHE B 21 0.64 -1.31 -20.96
CA PHE B 21 0.96 -0.27 -19.99
C PHE B 21 1.32 1.03 -20.70
N ASN B 22 0.78 2.14 -20.21
CA ASN B 22 1.23 3.45 -20.65
C ASN B 22 2.56 3.82 -20.02
N TYR B 23 2.81 3.36 -18.79
CA TYR B 23 4.06 3.61 -18.07
C TYR B 23 4.61 2.30 -17.54
N PRO B 24 5.23 1.50 -18.40
CA PRO B 24 5.71 0.17 -17.97
C PRO B 24 6.76 0.23 -16.87
N TRP B 25 7.59 1.28 -16.84
CA TRP B 25 8.59 1.38 -15.79
C TRP B 25 7.94 1.41 -14.40
N ALA B 26 6.73 1.96 -14.31
CA ALA B 26 6.07 2.03 -13.01
C ALA B 26 5.65 0.64 -12.52
N VAL B 27 5.20 -0.22 -13.43
CA VAL B 27 4.88 -1.59 -13.04
C VAL B 27 6.15 -2.31 -12.58
N ASP B 28 7.22 -2.19 -13.37
CA ASP B 28 8.48 -2.85 -13.06
C ASP B 28 9.00 -2.41 -11.71
N LEU B 29 8.89 -1.12 -11.39
CA LEU B 29 9.38 -0.63 -10.12
C LEU B 29 8.50 -1.09 -8.97
N THR B 30 7.18 -1.17 -9.20
CA THR B 30 6.30 -1.70 -8.17
C THR B 30 6.64 -3.16 -7.89
N VAL B 31 6.89 -3.94 -8.94
CA VAL B 31 7.25 -5.35 -8.75
C VAL B 31 8.53 -5.46 -7.92
N LYS B 32 9.52 -4.64 -8.25
CA LYS B 32 10.78 -4.66 -7.51
C LYS B 32 10.59 -4.15 -6.09
N HIS B 33 9.70 -3.18 -5.90
CA HIS B 33 9.43 -2.66 -4.57
C HIS B 33 8.73 -3.69 -3.69
N GLU B 34 7.78 -4.43 -4.26
CA GLU B 34 7.08 -5.46 -3.48
C GLU B 34 8.01 -6.64 -3.15
N LYS B 35 9.02 -6.91 -3.98
CA LYS B 35 9.97 -7.98 -3.66
C LYS B 35 10.87 -7.61 -2.50
N ALA B 36 11.02 -6.32 -2.21
CA ALA B 36 11.79 -5.85 -1.08
C ALA B 36 10.95 -5.73 0.18
N HIS B 37 9.73 -6.27 0.16
CA HIS B 37 8.86 -6.21 1.33
C HIS B 37 9.54 -6.82 2.55
N TRP B 38 9.39 -6.14 3.68
CA TRP B 38 9.91 -6.62 4.95
C TRP B 38 8.96 -6.15 6.03
N ILE B 39 8.99 -6.83 7.18
CA ILE B 39 8.18 -6.41 8.32
C ILE B 39 9.09 -6.23 9.52
N GLU B 40 8.73 -5.28 10.38
CA GLU B 40 9.56 -4.91 11.52
C GLU B 40 9.82 -6.09 12.46
N ASP B 41 8.90 -7.05 12.54
CA ASP B 41 9.06 -8.16 13.48
C ASP B 41 10.13 -9.15 13.06
N GLU B 42 10.62 -9.09 11.82
CA GLU B 42 11.58 -10.07 11.36
C GLU B 42 13.03 -9.70 11.66
N ILE B 43 13.28 -8.48 12.14
CA ILE B 43 14.63 -8.05 12.46
C ILE B 43 14.95 -8.44 13.89
N ASP B 44 16.12 -9.04 14.09
CA ASP B 44 16.56 -9.42 15.43
C ASP B 44 17.15 -8.19 16.11
N LEU B 45 16.57 -7.80 17.25
CA LEU B 45 17.06 -6.68 18.04
C LEU B 45 17.66 -7.12 19.36
N SER B 46 17.64 -8.44 19.64
CA SER B 46 18.10 -8.95 20.92
C SER B 46 19.51 -8.47 21.25
N GLU B 47 20.39 -8.49 20.25
CA GLU B 47 21.78 -8.09 20.47
C GLU B 47 21.93 -6.58 20.62
N ASP B 48 20.97 -5.81 20.08
CA ASP B 48 20.97 -4.37 20.31
C ASP B 48 20.62 -4.05 21.74
N VAL B 49 19.78 -4.89 22.36
CA VAL B 49 19.41 -4.68 23.75
C VAL B 49 20.61 -4.92 24.66
N THR B 50 21.36 -6.00 24.41
CA THR B 50 22.55 -6.26 25.22
C THR B 50 23.62 -5.21 24.97
N ASP B 51 23.77 -4.78 23.70
CA ASP B 51 24.69 -3.70 23.39
C ASP B 51 24.37 -2.45 24.21
N TRP B 52 23.08 -2.24 24.47
CA TRP B 52 22.63 -1.01 25.11
C TRP B 52 22.80 -1.07 26.62
N LYS B 53 22.45 -2.20 27.22
CA LYS B 53 22.49 -2.33 28.67
C LYS B 53 23.92 -2.58 29.17
N ASN B 54 24.70 -3.36 28.43
CA ASN B 54 26.00 -3.85 28.89
C ASN B 54 27.15 -2.90 28.53
N GLY B 55 26.89 -1.60 28.37
CA GLY B 55 27.95 -0.64 28.23
C GLY B 55 28.71 -0.63 26.91
N LYS B 56 28.32 -1.43 25.93
CA LYS B 56 28.96 -1.33 24.63
C LYS B 56 28.65 -0.01 23.93
N ILE B 57 27.54 0.63 24.32
CA ILE B 57 27.15 1.92 23.78
C ILE B 57 27.51 2.96 24.83
N THR B 58 28.31 3.95 24.43
CA THR B 58 28.76 4.97 25.36
C THR B 58 27.60 5.91 25.72
N LYS B 59 27.85 6.74 26.75
CA LYS B 59 26.83 7.67 27.19
C LYS B 59 26.48 8.67 26.10
N VAL B 60 27.47 9.07 25.30
CA VAL B 60 27.22 10.03 24.22
C VAL B 60 26.51 9.35 23.06
N GLU B 61 26.85 8.11 22.78
CA GLU B 61 26.19 7.39 21.69
C GLU B 61 24.73 7.13 22.02
N LYS B 62 24.42 6.91 23.30
CA LYS B 62 23.02 6.73 23.69
C LYS B 62 22.23 8.02 23.52
N GLU B 63 22.88 9.17 23.73
CA GLU B 63 22.18 10.45 23.55
C GLU B 63 21.94 10.74 22.07
N TYR B 64 22.85 10.32 21.19
CA TYR B 64 22.61 10.45 19.77
C TYR B 64 21.41 9.60 19.34
N ILE B 65 21.41 8.33 19.71
CA ILE B 65 20.35 7.42 19.28
C ILE B 65 19.03 7.80 19.93
N THR B 66 19.04 8.13 21.23
CA THR B 66 17.80 8.47 21.92
C THR B 66 17.15 9.69 21.29
N ASN B 67 17.95 10.71 20.98
CA ASN B 67 17.38 11.94 20.45
C ASN B 67 16.94 11.79 19.00
N ILE B 68 17.68 11.02 18.21
CA ILE B 68 17.31 10.82 16.82
C ILE B 68 16.02 10.02 16.73
N LEU B 69 15.90 8.97 17.53
CA LEU B 69 14.69 8.17 17.52
C LEU B 69 13.49 8.96 18.01
N ARG B 70 13.68 9.86 18.98
CA ARG B 70 12.57 10.70 19.42
C ARG B 70 12.15 11.64 18.31
N LEU B 71 13.11 12.20 17.57
CA LEU B 71 12.76 13.03 16.42
C LEU B 71 11.98 12.23 15.38
N PHE B 72 12.33 10.95 15.19
CA PHE B 72 11.64 10.13 14.18
C PHE B 72 10.20 9.88 14.59
N THR B 73 10.00 9.48 15.84
CA THR B 73 8.66 9.08 16.28
C THR B 73 7.72 10.27 16.42
N GLN B 74 8.24 11.47 16.64
CA GLN B 74 7.39 12.64 16.82
C GLN B 74 7.20 13.47 15.55
N SER B 75 7.78 13.07 14.43
CA SER B 75 7.57 13.75 13.17
C SER B 75 7.06 12.76 12.12
N ASP B 76 6.39 13.30 11.09
CA ASP B 76 5.78 12.47 10.02
C ASP B 76 4.83 11.45 10.68
N VAL B 77 4.02 11.91 11.64
CA VAL B 77 3.07 11.00 12.27
C VAL B 77 2.04 10.52 11.27
N ALA B 78 1.65 11.37 10.32
CA ALA B 78 0.68 11.03 9.28
C ALA B 78 1.41 10.34 8.14
N VAL B 79 1.37 9.02 8.13
CA VAL B 79 2.09 8.23 7.14
C VAL B 79 1.50 8.43 5.75
N GLY B 80 2.37 8.65 4.77
CA GLY B 80 1.97 8.72 3.38
C GLY B 80 1.12 9.92 3.02
N GLN B 81 1.13 10.96 3.86
CA GLN B 81 0.29 12.14 3.67
C GLN B 81 0.35 12.68 2.25
N ASN B 82 1.54 12.87 1.72
CA ASN B 82 1.68 13.45 0.36
C ASN B 82 1.21 12.45 -0.69
N TYR B 83 1.40 11.16 -0.47
CA TYR B 83 0.87 10.18 -1.41
C TYR B 83 -0.65 10.19 -1.41
N TYR B 84 -1.26 10.12 -0.22
CA TYR B 84 -2.70 9.96 -0.14
C TYR B 84 -3.47 11.22 -0.47
N ASP B 85 -2.88 12.40 -0.22
CA ASP B 85 -3.59 13.67 -0.36
C ASP B 85 -3.14 14.52 -1.53
N GLN B 86 -1.93 14.34 -2.04
CA GLN B 86 -1.46 15.13 -3.18
C GLN B 86 -1.43 14.35 -4.48
N PHE B 87 -0.77 13.18 -4.51
CA PHE B 87 -0.50 12.51 -5.77
C PHE B 87 -1.56 11.49 -6.17
N ILE B 88 -1.94 10.58 -5.24
CA ILE B 88 -2.91 9.53 -5.59
C ILE B 88 -4.23 10.11 -6.07
N PRO B 89 -4.80 11.15 -5.44
CA PRO B 89 -6.07 11.70 -5.96
C PRO B 89 -6.00 12.17 -7.40
N LEU B 90 -4.84 12.63 -7.87
CA LEU B 90 -4.74 13.18 -9.21
C LEU B 90 -4.16 12.22 -10.23
N PHE B 91 -3.20 11.38 -9.85
CA PHE B 91 -2.63 10.42 -10.80
C PHE B 91 -3.54 9.19 -10.81
N LYS B 92 -4.47 9.17 -11.76
CA LYS B 92 -5.47 8.14 -11.87
C LYS B 92 -5.04 6.97 -12.74
N ASN B 93 -3.98 7.12 -13.52
CA ASN B 93 -3.46 6.00 -14.29
C ASN B 93 -3.18 4.81 -13.38
N ASN B 94 -3.66 3.63 -13.79
CA ASN B 94 -3.65 2.48 -12.90
C ASN B 94 -2.24 2.14 -12.40
N GLU B 95 -1.30 1.92 -13.32
CA GLU B 95 0.01 1.45 -12.90
C GLU B 95 0.77 2.50 -12.07
N VAL B 96 0.56 3.78 -12.36
CA VAL B 96 1.20 4.81 -11.55
C VAL B 96 0.56 4.89 -10.17
N ARG B 97 -0.78 4.85 -10.13
CA ARG B 97 -1.47 4.91 -8.85
C ARG B 97 -1.09 3.74 -7.96
N ASN B 98 -1.04 2.52 -8.52
CA ASN B 98 -0.67 1.38 -7.70
C ASN B 98 0.77 1.48 -7.23
N MET B 99 1.65 2.05 -8.05
CA MET B 99 3.01 2.33 -7.59
C MET B 99 3.01 3.24 -6.36
N LEU B 100 2.34 4.38 -6.48
CA LEU B 100 2.34 5.34 -5.36
C LEU B 100 1.65 4.75 -4.15
N GLY B 101 0.57 3.99 -4.35
CA GLY B 101 -0.08 3.35 -3.22
C GLY B 101 0.82 2.32 -2.57
N SER B 102 1.63 1.64 -3.37
CA SER B 102 2.54 0.66 -2.78
C SER B 102 3.63 1.36 -1.99
N PHE B 103 4.14 2.49 -2.49
CA PHE B 103 5.12 3.26 -1.73
C PHE B 103 4.51 3.73 -0.41
N ALA B 104 3.28 4.22 -0.46
CA ALA B 104 2.65 4.79 0.74
C ALA B 104 2.43 3.72 1.80
N ALA B 105 2.01 2.52 1.39
CA ALA B 105 1.84 1.44 2.37
C ALA B 105 3.18 1.09 3.04
N ARG B 106 4.27 1.08 2.27
CA ARG B 106 5.57 0.73 2.83
C ARG B 106 6.01 1.72 3.90
N GLU B 107 5.60 2.99 3.79
CA GLU B 107 5.96 3.97 4.81
C GLU B 107 5.35 3.63 6.15
N GLY B 108 4.22 2.91 6.16
CA GLY B 108 3.64 2.47 7.42
C GLY B 108 4.50 1.44 8.14
N ILE B 109 5.23 0.62 7.38
CA ILE B 109 6.15 -0.34 7.99
C ILE B 109 7.31 0.40 8.65
N HIS B 110 7.81 1.47 8.00
CA HIS B 110 8.89 2.24 8.60
C HIS B 110 8.47 2.82 9.94
N GLN B 111 7.27 3.38 10.01
CA GLN B 111 6.80 3.97 11.25
C GLN B 111 6.68 2.92 12.36
N ARG B 112 6.18 1.73 12.02
CA ARG B 112 6.08 0.66 13.01
C ARG B 112 7.45 0.15 13.43
N ALA B 113 8.42 0.16 12.51
CA ALA B 113 9.76 -0.32 12.84
C ALA B 113 10.45 0.60 13.84
N TYR B 114 10.38 1.91 13.62
CA TYR B 114 10.99 2.84 14.56
C TYR B 114 10.29 2.84 15.91
N ALA B 115 8.97 2.65 15.92
CA ALA B 115 8.27 2.51 17.19
C ALA B 115 8.71 1.25 17.91
N LEU B 116 8.99 0.18 17.17
CA LEU B 116 9.45 -1.06 17.78
C LEU B 116 10.87 -0.90 18.32
N LEU B 117 11.68 -0.07 17.68
CA LEU B 117 13.01 0.24 18.22
C LEU B 117 12.89 0.96 19.56
N ASN B 118 12.05 2.01 19.60
CA ASN B 118 11.81 2.74 20.84
C ASN B 118 11.42 1.79 21.97
N ASP B 119 10.47 0.90 21.71
CA ASP B 119 9.95 0.04 22.77
C ASP B 119 10.97 -1.02 23.16
N THR B 120 11.74 -1.51 22.19
CA THR B 120 12.70 -2.57 22.49
C THR B 120 13.87 -2.03 23.29
N LEU B 121 14.25 -0.78 23.05
CA LEU B 121 15.31 -0.15 23.81
C LEU B 121 14.80 0.46 25.10
N GLY B 122 13.50 0.31 25.37
CA GLY B 122 12.89 0.87 26.57
C GLY B 122 13.07 2.37 26.68
N LEU B 123 13.18 3.05 25.55
CA LEU B 123 13.42 4.48 25.59
C LEU B 123 12.23 5.20 26.19
N PRO B 124 12.44 6.12 27.12
CA PRO B 124 11.30 6.83 27.70
C PRO B 124 10.75 7.83 26.70
N ASP B 125 9.43 8.01 26.75
CA ASP B 125 8.84 9.14 26.07
C ASP B 125 8.93 10.40 26.92
N SER B 126 9.28 11.47 26.24
CA SER B 126 9.18 12.84 26.70
C SER B 126 9.04 13.66 25.44
N GLU B 127 8.64 14.92 25.59
CA GLU B 127 8.41 15.69 24.39
C GLU B 127 9.66 16.41 23.91
N TYR B 128 10.70 16.47 24.73
CA TYR B 128 11.87 17.24 24.37
C TYR B 128 12.90 16.34 23.73
N HIS B 129 13.54 16.86 22.68
CA HIS B 129 14.70 16.21 22.08
C HIS B 129 15.58 17.30 21.50
N ALA B 130 16.80 16.93 21.13
CA ALA B 130 17.83 17.89 20.73
C ALA B 130 17.57 18.51 19.36
N PHE B 131 16.61 18.02 18.59
CA PHE B 131 16.42 18.48 17.22
C PHE B 131 15.09 19.20 17.03
N LEU B 132 14.57 19.81 18.09
CA LEU B 132 13.32 20.54 17.97
C LEU B 132 13.45 21.75 17.05
N GLU B 133 14.63 22.40 17.03
CA GLU B 133 14.80 23.53 16.15
C GLU B 133 14.86 23.10 14.69
N TYR B 134 15.42 21.92 14.42
CA TYR B 134 15.45 21.39 13.06
C TYR B 134 14.06 21.04 12.58
N LYS B 135 13.27 20.36 13.42
CA LYS B 135 11.92 20.03 13.03
C LYS B 135 11.08 21.29 12.85
N ALA B 136 11.29 22.28 13.71
CA ALA B 136 10.53 23.52 13.58
C ALA B 136 10.91 24.25 12.30
N MET B 137 12.20 24.21 11.95
CA MET B 137 12.64 24.82 10.70
C MET B 137 12.08 24.08 9.50
N THR B 138 11.99 22.74 9.60
CA THR B 138 11.42 21.96 8.50
C THR B 138 9.94 22.28 8.33
N ASP B 139 9.20 22.30 9.43
CA ASP B 139 7.77 22.57 9.34
C ASP B 139 7.51 24.01 8.92
N LYS B 140 8.36 24.95 9.36
CA LYS B 140 8.20 26.35 8.95
C LYS B 140 8.39 26.50 7.44
N ILE B 141 9.41 25.86 6.89
CA ILE B 141 9.69 25.97 5.46
C ILE B 141 8.55 25.41 4.63
N ASP B 142 8.04 24.25 5.04
CA ASP B 142 6.95 23.59 4.27
C ASP B 142 5.66 24.40 4.42
N PHE B 143 5.45 25.02 5.59
CA PHE B 143 4.24 25.80 5.82
C PHE B 143 4.27 27.09 5.03
N MET B 144 5.43 27.72 4.92
CA MET B 144 5.63 28.89 4.07
C MET B 144 6.19 28.48 2.71
N MET B 145 5.69 27.38 2.18
CA MET B 145 6.07 26.90 0.86
C MET B 145 4.91 26.89 -0.13
N ASP B 146 3.68 26.77 0.33
CA ASP B 146 2.50 26.68 -0.52
C ASP B 146 2.61 25.44 -1.43
N ALA B 147 2.51 24.28 -0.79
CA ALA B 147 2.38 23.05 -1.54
C ALA B 147 0.99 23.07 -2.16
N ASP B 148 0.91 23.28 -3.48
CA ASP B 148 -0.38 23.40 -4.16
C ASP B 148 -0.48 22.38 -5.28
N PRO B 149 -1.04 21.20 -5.02
CA PRO B 149 -1.17 20.19 -6.08
C PRO B 149 -2.35 20.44 -7.01
N THR B 150 -3.22 21.40 -6.71
CA THR B 150 -4.41 21.64 -7.53
C THR B 150 -4.11 22.37 -8.83
N THR B 151 -2.91 22.90 -9.00
CA THR B 151 -2.54 23.51 -10.26
C THR B 151 -1.55 22.63 -10.99
N ARG B 152 -1.53 22.79 -12.31
CA ARG B 152 -0.66 21.97 -13.15
C ARG B 152 0.80 22.20 -12.80
N ARG B 153 1.16 23.45 -12.51
CA ARG B 153 2.53 23.81 -12.17
C ARG B 153 2.88 23.34 -10.76
N GLY B 154 1.98 23.59 -9.79
CA GLY B 154 2.27 23.26 -8.41
C GLY B 154 2.40 21.77 -8.16
N LEU B 155 1.72 20.96 -8.95
CA LEU B 155 1.82 19.51 -8.80
C LEU B 155 3.21 19.02 -9.19
N GLY B 156 3.78 19.60 -10.25
CA GLY B 156 5.16 19.28 -10.58
C GLY B 156 6.12 19.65 -9.46
N LEU B 157 5.90 20.81 -8.84
CA LEU B 157 6.77 21.21 -7.74
C LEU B 157 6.55 20.33 -6.52
N CYS B 158 5.33 19.82 -6.35
CA CYS B 158 5.07 18.89 -5.26
C CYS B 158 5.86 17.61 -5.43
N LEU B 159 6.00 17.16 -6.69
CA LEU B 159 6.77 15.96 -6.95
C LEU B 159 8.24 16.18 -6.66
N ALA B 160 8.78 17.32 -7.10
CA ALA B 160 10.18 17.60 -6.84
C ALA B 160 10.43 17.70 -5.34
N LYS B 161 9.49 18.29 -4.61
CA LYS B 161 9.66 18.43 -3.17
C LYS B 161 9.70 17.08 -2.47
N THR B 162 8.85 16.15 -2.89
CA THR B 162 8.80 14.80 -2.26
C THR B 162 10.12 14.07 -2.51
N VAL B 163 10.76 14.31 -3.65
CA VAL B 163 12.03 13.66 -3.94
C VAL B 163 13.10 14.12 -2.95
N PHE B 164 13.09 15.40 -2.58
CA PHE B 164 14.05 15.87 -1.59
C PHE B 164 13.66 15.41 -0.18
N ASN B 165 12.37 15.35 0.12
CA ASN B 165 11.93 14.84 1.42
C ASN B 165 12.41 13.41 1.63
N GLU B 166 12.22 12.56 0.63
CA GLU B 166 12.50 11.14 0.78
C GLU B 166 13.96 10.81 0.49
N GLY B 167 14.62 11.56 -0.38
CA GLY B 167 15.98 11.25 -0.76
C GLY B 167 17.07 12.08 -0.10
N VAL B 168 16.71 13.16 0.61
CA VAL B 168 17.73 13.98 1.28
C VAL B 168 17.40 14.19 2.75
N ALA B 169 16.18 14.65 3.04
CA ALA B 169 15.81 14.96 4.42
C ALA B 169 15.97 13.74 5.33
N LEU B 170 16.63 13.97 6.48
CA LEU B 170 16.97 13.00 7.51
C LEU B 170 18.12 12.07 7.13
N PHE B 171 18.76 12.25 5.97
CA PHE B 171 19.88 11.38 5.63
C PHE B 171 21.10 11.61 6.51
N ALA B 172 21.22 12.78 7.15
CA ALA B 172 22.33 12.98 8.07
C ALA B 172 22.14 12.12 9.31
N SER B 173 20.91 12.03 9.81
CA SER B 173 20.61 11.13 10.92
C SER B 173 20.75 9.67 10.50
N PHE B 174 20.52 9.36 9.23
CA PHE B 174 20.67 7.99 8.77
C PHE B 174 22.13 7.59 8.78
N ALA B 175 23.02 8.50 8.38
CA ALA B 175 24.44 8.20 8.41
C ALA B 175 24.92 7.97 9.83
N MET B 176 24.38 8.74 10.78
CA MET B 176 24.77 8.59 12.17
C MET B 176 24.28 7.26 12.74
N LEU B 177 23.07 6.85 12.36
CA LEU B 177 22.57 5.58 12.88
C LEU B 177 23.31 4.40 12.24
N LEU B 178 23.71 4.56 10.98
CA LEU B 178 24.39 3.48 10.28
C LEU B 178 25.86 3.39 10.66
N ASN B 179 26.42 4.46 11.22
CA ASN B 179 27.80 4.46 11.67
C ASN B 179 28.04 3.45 12.79
N PHE B 180 26.99 3.01 13.47
CA PHE B 180 27.16 2.08 14.58
C PHE B 180 27.42 0.65 14.11
N GLN B 181 26.69 0.18 13.11
CA GLN B 181 26.94 -1.18 12.62
C GLN B 181 28.30 -1.27 11.96
N ARG B 182 28.90 -0.14 11.59
CA ARG B 182 30.28 -0.19 11.05
C ARG B 182 31.23 -0.76 12.11
N PHE B 183 30.93 -0.52 13.39
CA PHE B 183 31.77 -0.99 14.46
C PHE B 183 31.11 -2.14 15.23
N GLY B 184 30.27 -2.91 14.56
CA GLY B 184 29.63 -4.07 15.17
C GLY B 184 28.62 -3.74 16.25
N LYS B 185 28.13 -2.51 16.30
CA LYS B 185 27.18 -2.08 17.31
C LYS B 185 25.84 -1.73 16.69
N MET B 186 24.77 -1.96 17.46
CA MET B 186 23.40 -1.61 17.07
C MET B 186 23.08 -2.09 15.64
N LYS B 187 23.33 -3.36 15.39
CA LYS B 187 23.16 -3.91 14.02
C LYS B 187 21.68 -4.11 13.66
N GLY B 188 20.82 -4.47 14.62
CA GLY B 188 19.41 -4.56 14.32
C GLY B 188 18.82 -3.22 13.93
N MET B 189 19.19 -2.17 14.66
CA MET B 189 18.83 -0.82 14.25
C MET B 189 19.41 -0.49 12.88
N GLY B 190 20.61 -0.98 12.60
CA GLY B 190 21.21 -0.75 11.29
C GLY B 190 20.40 -1.37 10.16
N LYS B 191 19.87 -2.57 10.38
CA LYS B 191 19.00 -3.18 9.38
C LYS B 191 17.76 -2.33 9.13
N VAL B 192 17.13 -1.83 10.20
CA VAL B 192 15.95 -0.99 10.05
C VAL B 192 16.24 0.21 9.17
N VAL B 193 17.36 0.90 9.45
CA VAL B 193 17.69 2.10 8.68
C VAL B 193 18.05 1.72 7.25
N GLU B 194 18.82 0.64 7.09
CA GLU B 194 19.25 0.23 5.76
C GLU B 194 18.07 -0.19 4.90
N TRP B 195 17.14 -0.97 5.45
CA TRP B 195 15.99 -1.39 4.67
C TRP B 195 15.02 -0.24 4.45
N SER B 196 15.01 0.74 5.34
CA SER B 196 14.20 1.94 5.12
C SER B 196 14.75 2.76 3.97
N ILE B 197 16.08 2.89 3.88
CA ILE B 197 16.69 3.64 2.78
C ILE B 197 16.53 2.88 1.47
N ARG B 198 16.60 1.56 1.50
CA ARG B 198 16.36 0.80 0.28
C ARG B 198 14.97 1.09 -0.27
N ASP B 199 13.97 1.21 0.61
CA ASP B 199 12.63 1.60 0.18
C ASP B 199 12.63 3.04 -0.36
N GLU B 200 13.18 3.98 0.41
CA GLU B 200 13.17 5.37 -0.01
C GLU B 200 13.91 5.58 -1.33
N SER B 201 14.99 4.82 -1.57
CA SER B 201 15.68 4.92 -2.85
C SER B 201 14.75 4.53 -4.00
N MET B 202 13.92 3.51 -3.79
CA MET B 202 12.96 3.14 -4.81
C MET B 202 11.85 4.20 -4.95
N HIS B 203 11.43 4.80 -3.83
CA HIS B 203 10.42 5.85 -3.91
C HIS B 203 10.97 7.06 -4.65
N VAL B 204 12.23 7.41 -4.38
CA VAL B 204 12.86 8.53 -5.08
C VAL B 204 12.95 8.24 -6.57
N GLU B 205 13.37 7.03 -6.91
CA GLU B 205 13.48 6.66 -8.33
C GLU B 205 12.12 6.76 -9.02
N GLY B 206 11.06 6.28 -8.36
CA GLY B 206 9.74 6.36 -8.95
C GLY B 206 9.20 7.78 -9.04
N ASN B 207 9.31 8.53 -7.93
CA ASN B 207 8.78 9.89 -7.91
C ASN B 207 9.56 10.79 -8.86
N ALA B 208 10.87 10.59 -8.98
CA ALA B 208 11.65 11.36 -9.94
C ALA B 208 11.28 11.00 -11.38
N ALA B 209 11.14 9.71 -11.69
CA ALA B 209 10.71 9.31 -13.02
C ALA B 209 9.34 9.87 -13.34
N LEU B 210 8.45 9.88 -12.34
CA LEU B 210 7.14 10.47 -12.52
C LEU B 210 7.25 11.97 -12.78
N PHE B 211 8.16 12.65 -12.08
CA PHE B 211 8.37 14.08 -12.30
C PHE B 211 8.82 14.35 -13.74
N ARG B 212 9.80 13.59 -14.22
CA ARG B 212 10.29 13.80 -15.58
C ARG B 212 9.18 13.53 -16.60
N ILE B 213 8.45 12.44 -16.44
CA ILE B 213 7.34 12.13 -17.38
C ILE B 213 6.30 13.24 -17.28
N TYR B 214 6.02 13.72 -16.07
CA TYR B 214 5.00 14.74 -15.90
C TYR B 214 5.41 16.04 -16.56
N CYS B 215 6.72 16.31 -16.60
CA CYS B 215 7.20 17.51 -17.27
C CYS B 215 7.11 17.38 -18.78
N GLN B 216 7.31 16.17 -19.31
CA GLN B 216 7.13 15.98 -20.76
C GLN B 216 5.67 16.18 -21.15
N GLU B 217 4.74 15.70 -20.33
CA GLU B 217 3.33 15.78 -20.63
C GLU B 217 2.75 17.17 -20.38
N ASN B 218 3.42 17.98 -19.56
CA ASN B 218 3.02 19.36 -19.32
C ASN B 218 4.23 20.25 -19.53
N PRO B 219 4.75 20.31 -20.76
CA PRO B 219 6.06 20.95 -20.99
C PRO B 219 6.09 22.43 -20.70
N TYR B 220 4.95 23.11 -20.76
CA TYR B 220 4.91 24.57 -20.64
C TYR B 220 4.94 25.05 -19.20
N ILE B 221 5.16 24.13 -18.26
CA ILE B 221 5.31 24.53 -16.83
C ILE B 221 6.80 24.67 -16.55
N VAL B 222 7.65 24.19 -17.44
CA VAL B 222 9.11 24.15 -17.18
C VAL B 222 9.70 25.45 -17.72
N ASP B 223 9.61 26.50 -16.91
CA ASP B 223 10.28 27.77 -17.20
C ASP B 223 11.45 27.97 -16.24
N ASN B 224 12.22 29.04 -16.49
CA ASN B 224 13.30 29.45 -15.59
C ASN B 224 12.86 29.51 -14.13
N GLN B 225 11.75 30.18 -13.84
CA GLN B 225 11.32 30.31 -12.45
C GLN B 225 10.94 28.96 -11.84
N PHE B 226 10.42 28.05 -12.66
CA PHE B 226 10.10 26.71 -12.19
C PHE B 226 11.35 26.00 -11.68
N LYS B 227 12.42 26.00 -12.49
CA LYS B 227 13.66 25.35 -12.07
C LYS B 227 14.28 26.05 -10.86
N LYS B 228 14.19 27.38 -10.82
CA LYS B 228 14.76 28.11 -9.69
C LYS B 228 14.09 27.69 -8.40
N GLU B 229 12.78 27.48 -8.42
CA GLU B 229 12.11 27.02 -7.21
C GLU B 229 12.59 25.63 -6.80
N ILE B 230 12.95 24.79 -7.78
CA ILE B 230 13.43 23.46 -7.44
C ILE B 230 14.85 23.52 -6.91
N TYR B 231 15.69 24.36 -7.52
CA TYR B 231 17.06 24.50 -7.02
C TYR B 231 17.06 25.07 -5.60
N LEU B 232 16.09 25.93 -5.29
CA LEU B 232 15.98 26.42 -3.91
C LEU B 232 15.56 25.30 -2.96
N MET B 233 14.67 24.42 -3.42
CA MET B 233 14.30 23.26 -2.62
C MET B 233 15.55 22.47 -2.26
N ALA B 234 16.44 22.27 -3.22
CA ALA B 234 17.67 21.52 -2.97
C ALA B 234 18.55 22.23 -1.96
N SER B 235 18.72 23.54 -2.13
CA SER B 235 19.59 24.28 -1.23
C SER B 235 18.98 24.42 0.17
N LYS B 236 17.65 24.50 0.26
CA LYS B 236 17.03 24.50 1.57
C LYS B 236 17.12 23.12 2.23
N ALA B 237 17.12 22.05 1.44
CA ALA B 237 17.29 20.72 2.02
C ALA B 237 18.68 20.57 2.62
N VAL B 238 19.70 21.12 1.95
CA VAL B 238 21.05 21.05 2.47
C VAL B 238 21.18 21.91 3.72
N GLU B 239 20.54 23.08 3.71
CA GLU B 239 20.59 23.97 4.89
C GLU B 239 19.94 23.27 6.10
N LEU B 240 18.87 22.52 5.86
CA LEU B 240 18.18 21.87 6.99
C LEU B 240 19.09 20.76 7.55
N GLU B 241 19.69 19.93 6.70
CA GLU B 241 20.55 18.90 7.25
C GLU B 241 21.76 19.52 7.92
N ASP B 242 22.21 20.68 7.42
CA ASP B 242 23.30 21.40 8.06
C ASP B 242 22.94 21.81 9.49
N LYS B 243 21.71 22.28 9.70
CA LYS B 243 21.28 22.61 11.04
C LYS B 243 21.18 21.35 11.90
N PHE B 244 20.73 20.24 11.32
CA PHE B 244 20.69 18.99 12.07
C PHE B 244 22.08 18.57 12.51
N ILE B 245 23.06 18.66 11.60
CA ILE B 245 24.41 18.24 11.91
C ILE B 245 25.01 19.11 13.01
N GLU B 246 24.81 20.43 12.92
CA GLU B 246 25.30 21.33 13.95
C GLU B 246 24.70 20.98 15.30
N LEU B 247 23.40 20.68 15.33
CA LEU B 247 22.75 20.34 16.59
C LEU B 247 23.23 19.00 17.11
N ALA B 248 23.47 18.04 16.22
CA ALA B 248 23.83 16.70 16.66
C ALA B 248 25.24 16.66 17.24
N TYR B 249 26.17 17.39 16.62
CA TYR B 249 27.55 17.32 17.08
C TYR B 249 27.75 18.10 18.37
N GLU B 250 26.78 18.91 18.78
CA GLU B 250 26.82 19.53 20.10
C GLU B 250 26.73 18.51 21.23
N LEU B 251 26.32 17.27 20.92
CA LEU B 251 26.19 16.23 21.92
C LEU B 251 27.52 15.53 22.20
N GLY B 252 28.49 15.72 21.33
CA GLY B 252 29.79 15.08 21.42
C GLY B 252 30.23 14.65 20.05
N THR B 253 31.30 13.86 20.01
CA THR B 253 31.87 13.42 18.75
C THR B 253 31.37 12.01 18.42
N ILE B 254 31.55 11.66 17.14
CA ILE B 254 31.19 10.29 16.67
C ILE B 254 32.49 9.65 16.18
N GLU B 255 32.76 8.45 16.65
CA GLU B 255 33.97 7.72 16.30
C GLU B 255 33.97 7.42 14.80
N GLY B 256 34.90 8.01 14.06
CA GLY B 256 35.04 7.74 12.64
C GLY B 256 34.13 8.53 11.74
N LEU B 257 33.48 9.56 12.28
CA LEU B 257 32.54 10.37 11.47
C LEU B 257 32.70 11.85 11.83
N LYS B 258 33.12 12.65 10.87
CA LYS B 258 33.35 14.10 11.12
C LYS B 258 32.20 14.91 10.53
N ALA B 259 31.85 16.00 11.20
CA ALA B 259 30.72 16.83 10.74
C ALA B 259 30.91 17.27 9.29
N ASP B 260 32.12 17.70 8.92
CA ASP B 260 32.28 18.25 7.58
C ASP B 260 32.08 17.20 6.50
N GLU B 261 32.45 15.94 6.74
CA GLU B 261 32.22 14.95 5.70
C GLU B 261 30.76 14.54 5.64
N VAL B 262 30.03 14.62 6.75
CA VAL B 262 28.60 14.43 6.70
C VAL B 262 27.96 15.56 5.89
N LYS B 263 28.46 16.78 6.05
CA LYS B 263 27.94 17.89 5.26
C LYS B 263 28.24 17.71 3.79
N GLN B 264 29.39 17.11 3.47
CA GLN B 264 29.72 16.86 2.08
C GLN B 264 28.86 15.73 1.53
N TYR B 265 28.58 14.74 2.37
CA TYR B 265 27.70 13.66 1.94
C TYR B 265 26.31 14.17 1.60
N ILE B 266 25.76 15.05 2.42
CA ILE B 266 24.44 15.62 2.14
C ILE B 266 24.47 16.38 0.82
N ARG B 267 25.57 17.07 0.55
CA ARG B 267 25.69 17.85 -0.70
C ARG B 267 25.86 16.90 -1.88
N HIS B 268 26.46 15.74 -1.65
CA HIS B 268 26.65 14.77 -2.73
C HIS B 268 25.32 14.16 -3.17
N ILE B 269 24.51 13.68 -2.21
CA ILE B 269 23.24 13.07 -2.60
C ILE B 269 22.22 14.12 -3.02
N THR B 270 22.32 15.35 -2.52
CA THR B 270 21.43 16.39 -3.05
C THR B 270 21.67 16.61 -4.53
N ASP B 271 22.93 16.50 -4.96
CA ASP B 271 23.24 16.59 -6.38
C ASP B 271 22.74 15.35 -7.13
N ARG B 272 22.78 14.19 -6.48
CA ARG B 272 22.25 12.99 -7.12
C ARG B 272 20.76 13.14 -7.38
N ARG B 273 20.05 13.75 -6.44
CA ARG B 273 18.59 13.89 -6.58
C ARG B 273 18.27 14.92 -7.67
N LEU B 274 19.07 15.98 -7.79
CA LEU B 274 18.83 16.93 -8.86
C LEU B 274 19.04 16.31 -10.22
N ASN B 275 20.07 15.47 -10.36
CA ASN B 275 20.26 14.74 -11.61
C ASN B 275 19.09 13.81 -11.88
N GLN B 276 18.57 13.16 -10.83
CA GLN B 276 17.43 12.27 -11.00
C GLN B 276 16.19 13.04 -11.44
N LEU B 277 16.09 14.32 -11.05
CA LEU B 277 15.00 15.16 -11.53
C LEU B 277 15.28 15.71 -12.92
N GLY B 278 16.47 15.48 -13.48
CA GLY B 278 16.81 15.97 -14.79
C GLY B 278 17.45 17.33 -14.80
N LEU B 279 17.91 17.83 -13.66
CA LEU B 279 18.53 19.13 -13.53
C LEU B 279 20.04 18.98 -13.35
N LYS B 280 20.72 20.12 -13.23
CA LYS B 280 22.17 20.13 -13.12
C LYS B 280 22.62 20.15 -11.66
N GLU B 281 23.82 19.64 -11.43
CA GLU B 281 24.42 19.67 -10.10
C GLU B 281 24.80 21.09 -9.72
N ILE B 282 24.82 21.35 -8.41
CA ILE B 282 25.20 22.66 -7.89
C ILE B 282 26.28 22.57 -6.82
N TYR B 283 26.73 21.37 -6.45
CA TYR B 283 27.80 21.23 -5.47
C TYR B 283 29.04 20.57 -6.03
N ASN B 284 28.91 19.74 -7.06
CA ASN B 284 30.02 19.08 -7.73
C ASN B 284 30.99 18.43 -6.73
N ILE B 285 30.43 17.55 -5.91
CA ILE B 285 31.22 16.65 -5.08
C ILE B 285 31.37 15.39 -5.94
N GLU B 286 32.57 15.16 -6.47
CA GLU B 286 32.76 14.07 -7.42
C GLU B 286 32.50 12.72 -6.77
N LYS B 287 33.24 12.41 -5.71
CA LYS B 287 33.17 11.11 -5.06
C LYS B 287 32.32 11.20 -3.81
N ASN B 288 31.59 10.11 -3.54
CA ASN B 288 30.79 10.00 -2.29
C ASN B 288 31.76 10.10 -1.12
N PRO B 289 31.62 11.11 -0.25
CA PRO B 289 32.60 11.29 0.84
C PRO B 289 32.60 10.18 1.86
N LEU B 290 31.49 9.45 2.01
CA LEU B 290 31.38 8.34 2.95
C LEU B 290 31.32 7.03 2.16
N THR B 291 32.49 6.50 1.79
CA THR B 291 32.54 5.30 0.98
C THR B 291 31.97 4.09 1.72
N TRP B 292 32.05 4.07 3.05
CA TRP B 292 31.47 2.97 3.82
C TRP B 292 29.95 3.02 3.85
N LEU B 293 29.36 4.18 3.58
CA LEU B 293 27.90 4.27 3.62
C LEU B 293 27.30 3.95 2.27
N GLU B 294 27.97 4.38 1.20
CA GLU B 294 27.53 4.04 -0.17
C GLU B 294 27.56 2.53 -0.33
N TRP B 295 28.54 1.89 0.31
CA TRP B 295 28.70 0.46 0.17
C TRP B 295 27.58 -0.31 0.86
N ILE B 296 27.13 0.14 2.03
CA ILE B 296 26.07 -0.61 2.69
C ILE B 296 24.72 -0.31 2.06
N LEU B 297 24.58 0.82 1.37
CA LEU B 297 23.37 1.09 0.62
C LEU B 297 23.40 0.42 -0.76
N ASN B 298 24.51 -0.23 -1.10
CA ASN B 298 24.69 -0.92 -2.38
C ASN B 298 24.27 -0.10 -3.59
CL CL C . -23.51 14.82 6.22
#